data_2IOY
#
_entry.id   2IOY
#
_cell.length_a   123.180
_cell.length_b   35.800
_cell.length_c   118.030
_cell.angle_alpha   90.00
_cell.angle_beta   107.02
_cell.angle_gamma   90.00
#
_symmetry.space_group_name_H-M   'C 1 2 1'
#
loop_
_entity.id
_entity.type
_entity.pdbx_description
1 polymer 'Periplasmic sugar-binding protein'
2 non-polymer beta-D-ribopyranose
3 water water
#
_entity_poly.entity_id   1
_entity_poly.type   'polypeptide(L)'
_entity_poly.pdbx_seq_one_letter_code
;MKTIGLVISTLNNPFFVTLKNGAEEKAKELGYKIIVEDSQNDSSKELSNVEDLIQQKVDVLLINPVDSDAVVTAIKEANS
KNIPVITIDRSANGGDVVCHIASDNVKGGEMAAEFIAKALKGKGNVVELEGIPGASAARDRGKGFDEAIAKYPDIKIVAK
QAADFDRSKGLSVMENILQAQPKIDAVFAQNDEMALGAIKAIEAANRQGIIVVGFDGTEDALKAIKEGKMAATIAQQPAL
MGSLGVEMADKYLKGEKIPNFIPAELKLITKENVQGSHHHHHH
;
_entity_poly.pdbx_strand_id   A,B
#
# COMPACT_ATOMS: atom_id res chain seq x y z
N LYS A 2 12.49 14.41 17.46
CA LYS A 2 11.50 14.36 16.35
C LYS A 2 10.05 14.33 16.83
N THR A 3 9.17 14.95 16.03
CA THR A 3 7.83 15.32 16.45
C THR A 3 6.79 15.14 15.35
N ILE A 4 5.67 14.54 15.75
CA ILE A 4 4.56 14.27 14.85
C ILE A 4 3.43 15.22 15.12
N GLY A 5 2.82 15.73 14.05
CA GLY A 5 1.64 16.56 14.16
C GLY A 5 0.41 15.76 13.78
N LEU A 6 -0.57 15.72 14.68
CA LEU A 6 -1.81 15.01 14.44
C LEU A 6 -2.97 15.99 14.37
N VAL A 7 -3.57 16.10 13.18
CA VAL A 7 -4.70 17.00 12.98
C VAL A 7 -5.97 16.16 12.79
N ILE A 8 -6.89 16.30 13.75
CA ILE A 8 -8.09 15.45 13.84
C ILE A 8 -9.36 16.27 13.63
N SER A 9 -10.33 15.71 12.89
CA SER A 9 -11.50 16.48 12.48
C SER A 9 -12.29 17.07 13.65
N THR A 10 -12.55 16.26 14.66
CA THR A 10 -13.14 16.72 15.91
C THR A 10 -12.79 15.78 17.05
N LEU A 11 -12.62 16.34 18.25
CA LEU A 11 -12.46 15.51 19.46
C LEU A 11 -13.72 15.45 20.31
N ASN A 12 -14.86 15.85 19.71
N ASN A 12 -14.86 15.87 19.75
CA ASN A 12 -16.18 15.75 20.32
CA ASN A 12 -16.16 15.70 20.39
C ASN A 12 -16.83 14.40 20.02
C ASN A 12 -16.69 14.29 20.22
N ASN A 13 -16.13 13.57 19.24
CA ASN A 13 -16.55 12.22 18.90
C ASN A 13 -15.62 11.22 19.58
N PRO A 14 -16.18 10.30 20.39
CA PRO A 14 -15.37 9.28 21.06
C PRO A 14 -14.51 8.45 20.13
N PHE A 15 -14.96 8.25 18.89
CA PHE A 15 -14.17 7.53 17.89
C PHE A 15 -12.82 8.20 17.73
N PHE A 16 -12.81 9.51 17.61
CA PHE A 16 -11.57 10.21 17.33
C PHE A 16 -10.70 10.37 18.57
N VAL A 17 -11.32 10.40 19.75
CA VAL A 17 -10.55 10.37 20.98
C VAL A 17 -9.73 9.07 21.03
N THR A 18 -10.33 7.92 20.67
CA THR A 18 -9.61 6.65 20.66
C THR A 18 -8.47 6.63 19.64
N LEU A 19 -8.73 7.18 18.46
CA LEU A 19 -7.74 7.26 17.41
C LEU A 19 -6.54 8.08 17.93
N LYS A 20 -6.83 9.23 18.55
CA LYS A 20 -5.83 10.08 19.18
C LYS A 20 -4.96 9.29 20.17
N ASN A 21 -5.59 8.49 21.03
CA ASN A 21 -4.88 7.74 22.05
C ASN A 21 -4.02 6.65 21.45
N GLY A 22 -4.47 6.06 20.35
CA GLY A 22 -3.68 5.08 19.62
C GLY A 22 -2.38 5.67 19.12
N ALA A 23 -2.48 6.84 18.51
CA ALA A 23 -1.31 7.57 17.99
C ALA A 23 -0.34 7.95 19.10
N GLU A 24 -0.89 8.40 20.23
CA GLU A 24 -0.07 8.85 21.35
C GLU A 24 0.73 7.68 21.93
N GLU A 25 0.06 6.56 22.18
CA GLU A 25 0.71 5.36 22.69
C GLU A 25 1.86 4.87 21.82
N LYS A 26 1.66 4.86 20.50
CA LYS A 26 2.71 4.39 19.61
C LYS A 26 3.85 5.40 19.46
N ALA A 27 3.53 6.69 19.57
CA ALA A 27 4.54 7.73 19.47
C ALA A 27 5.52 7.63 20.64
N LYS A 28 5.01 7.40 21.85
CA LYS A 28 5.87 7.19 23.03
CA LYS A 28 5.88 7.21 23.02
C LYS A 28 6.76 5.98 22.80
N GLU A 29 6.15 4.88 22.37
CA GLU A 29 6.82 3.62 22.11
C GLU A 29 8.01 3.78 21.15
N LEU A 30 7.82 4.61 20.12
CA LEU A 30 8.87 4.79 19.12
C LEU A 30 9.72 6.02 19.44
N GLY A 31 9.39 6.71 20.52
CA GLY A 31 10.22 7.81 21.04
C GLY A 31 9.93 9.16 20.41
N TYR A 32 8.72 9.32 19.87
CA TYR A 32 8.31 10.56 19.22
C TYR A 32 7.49 11.43 20.16
N LYS A 33 7.69 12.73 20.07
CA LYS A 33 6.77 13.69 20.65
C LYS A 33 5.59 13.80 19.68
N ILE A 34 4.43 14.20 20.20
CA ILE A 34 3.24 14.36 19.34
C ILE A 34 2.43 15.57 19.76
N ILE A 35 2.01 16.38 18.77
CA ILE A 35 1.13 17.52 19.03
C ILE A 35 -0.20 17.26 18.34
N VAL A 36 -1.26 17.13 19.13
CA VAL A 36 -2.60 16.83 18.60
C VAL A 36 -3.42 18.10 18.61
N GLU A 37 -4.03 18.40 17.45
CA GLU A 37 -4.87 19.58 17.32
C GLU A 37 -6.26 19.25 16.74
N ASP A 38 -7.28 19.87 17.34
CA ASP A 38 -8.69 19.66 17.02
C ASP A 38 -9.19 20.68 15.99
N SER A 39 -9.65 20.18 14.85
CA SER A 39 -10.13 21.04 13.77
CA SER A 39 -10.13 21.03 13.76
C SER A 39 -11.58 21.48 13.93
N GLN A 40 -12.30 20.88 14.90
CA GLN A 40 -13.65 21.29 15.27
C GLN A 40 -14.58 21.28 14.06
N ASN A 41 -14.39 20.28 13.21
CA ASN A 41 -15.19 20.11 12.01
C ASN A 41 -15.21 21.34 11.09
N ASP A 42 -14.17 22.16 11.20
CA ASP A 42 -14.09 23.42 10.46
C ASP A 42 -12.82 23.38 9.65
N SER A 43 -12.92 23.47 8.33
CA SER A 43 -11.76 23.46 7.46
C SER A 43 -10.80 24.65 7.72
N SER A 44 -11.33 25.80 8.17
CA SER A 44 -10.46 26.93 8.57
C SER A 44 -9.62 26.63 9.79
N LYS A 45 -10.21 26.03 10.81
CA LYS A 45 -9.46 25.70 12.01
C LYS A 45 -8.39 24.67 11.64
N GLU A 46 -8.73 23.81 10.69
CA GLU A 46 -7.84 22.74 10.22
C GLU A 46 -6.59 23.30 9.56
N LEU A 47 -6.80 24.26 8.67
CA LEU A 47 -5.70 24.98 8.01
C LEU A 47 -4.82 25.73 9.01
N SER A 48 -5.44 26.40 9.98
N SER A 48 -5.45 26.41 9.97
CA SER A 48 -4.67 27.12 11.02
CA SER A 48 -4.72 27.10 11.04
C SER A 48 -3.92 26.14 11.92
C SER A 48 -3.92 26.13 11.90
N ASN A 49 -4.55 25.01 12.24
CA ASN A 49 -3.87 23.93 12.97
C ASN A 49 -2.62 23.44 12.21
N VAL A 50 -2.75 23.22 10.90
CA VAL A 50 -1.66 22.70 10.07
C VAL A 50 -0.52 23.73 9.99
N GLU A 51 -0.89 24.99 9.79
CA GLU A 51 0.09 26.07 9.75
C GLU A 51 0.84 26.20 11.08
N ASP A 52 0.13 26.12 12.21
CA ASP A 52 0.79 26.09 13.51
C ASP A 52 1.83 24.95 13.55
N LEU A 53 1.44 23.77 13.09
CA LEU A 53 2.32 22.59 13.15
C LEU A 53 3.53 22.70 12.21
N ILE A 54 3.32 23.24 11.01
CA ILE A 54 4.43 23.54 10.11
C ILE A 54 5.44 24.49 10.80
N GLN A 55 4.91 25.52 11.44
CA GLN A 55 5.75 26.50 12.15
C GLN A 55 6.48 25.93 13.37
N GLN A 56 5.89 24.92 14.02
CA GLN A 56 6.56 24.24 15.12
C GLN A 56 7.59 23.25 14.59
N LYS A 57 7.68 23.15 13.26
CA LYS A 57 8.69 22.34 12.59
C LYS A 57 8.47 20.85 12.83
N VAL A 58 7.22 20.41 12.73
CA VAL A 58 6.92 18.98 12.91
C VAL A 58 7.54 18.21 11.75
N ASP A 59 7.98 16.98 12.03
CA ASP A 59 8.70 16.17 11.05
C ASP A 59 7.75 15.41 10.12
N VAL A 60 6.57 15.05 10.61
CA VAL A 60 5.53 14.46 9.75
C VAL A 60 4.14 14.91 10.19
N LEU A 61 3.22 15.00 9.21
CA LEU A 61 1.85 15.40 9.50
C LEU A 61 0.86 14.26 9.24
N LEU A 62 0.17 13.83 10.29
CA LEU A 62 -0.94 12.91 10.17
C LEU A 62 -2.21 13.73 10.21
N ILE A 63 -3.06 13.57 9.20
N ILE A 63 -3.06 13.54 9.20
CA ILE A 63 -4.28 14.36 9.12
CA ILE A 63 -4.29 14.34 9.05
C ILE A 63 -5.54 13.52 8.86
C ILE A 63 -5.53 13.45 8.90
N ASN A 64 -6.59 13.84 9.61
CA ASN A 64 -7.91 13.29 9.41
C ASN A 64 -8.74 14.45 8.85
N PRO A 65 -8.88 14.53 7.50
CA PRO A 65 -9.51 15.67 6.86
C PRO A 65 -10.95 15.96 7.27
N VAL A 66 -11.26 17.24 7.40
CA VAL A 66 -12.64 17.72 7.58
C VAL A 66 -13.43 17.60 6.28
N ASP A 67 -12.76 17.92 5.17
CA ASP A 67 -13.40 17.84 3.86
C ASP A 67 -12.41 17.33 2.83
N SER A 68 -12.88 16.44 1.96
CA SER A 68 -12.05 15.78 0.95
C SER A 68 -11.33 16.74 0.01
N ASP A 69 -12.01 17.80 -0.40
CA ASP A 69 -11.44 18.81 -1.29
C ASP A 69 -10.77 19.94 -0.53
N ALA A 70 -11.46 20.48 0.46
CA ALA A 70 -10.97 21.64 1.19
C ALA A 70 -9.62 21.40 1.88
N VAL A 71 -9.35 20.15 2.27
CA VAL A 71 -8.09 19.84 2.96
C VAL A 71 -6.84 20.01 2.08
N VAL A 72 -7.00 19.90 0.77
CA VAL A 72 -5.89 19.91 -0.20
C VAL A 72 -5.02 21.15 -0.09
N THR A 73 -5.59 22.29 0.26
CA THR A 73 -4.81 23.51 0.49
C THR A 73 -3.80 23.29 1.61
N ALA A 74 -4.26 22.76 2.75
CA ALA A 74 -3.38 22.54 3.88
C ALA A 74 -2.29 21.51 3.55
N ILE A 75 -2.67 20.47 2.81
CA ILE A 75 -1.74 19.44 2.38
C ILE A 75 -0.68 20.03 1.45
N LYS A 76 -1.14 20.88 0.52
CA LYS A 76 -0.24 21.53 -0.44
C LYS A 76 0.68 22.56 0.19
N GLU A 77 0.30 23.14 1.33
CA GLU A 77 1.22 23.96 2.13
C GLU A 77 2.24 23.07 2.84
N ALA A 78 1.79 21.92 3.34
CA ALA A 78 2.68 20.91 3.90
C ALA A 78 3.69 20.39 2.87
N ASN A 79 3.19 20.14 1.67
CA ASN A 79 4.02 19.66 0.58
C ASN A 79 5.14 20.66 0.27
N SER A 80 4.77 21.94 0.14
CA SER A 80 5.72 23.01 -0.19
C SER A 80 6.84 23.10 0.84
N LYS A 81 6.54 22.90 2.12
CA LYS A 81 7.55 22.88 3.17
C LYS A 81 8.19 21.49 3.38
N ASN A 82 7.95 20.57 2.45
CA ASN A 82 8.55 19.23 2.48
C ASN A 82 8.33 18.46 3.78
N ILE A 83 7.13 18.61 4.35
CA ILE A 83 6.67 17.83 5.49
C ILE A 83 5.74 16.72 4.95
N PRO A 84 6.15 15.44 5.11
CA PRO A 84 5.35 14.33 4.60
C PRO A 84 3.95 14.22 5.24
N VAL A 85 2.96 13.88 4.42
CA VAL A 85 1.57 13.81 4.88
C VAL A 85 0.99 12.41 4.74
N ILE A 86 0.48 11.89 5.86
CA ILE A 86 -0.27 10.66 5.90
C ILE A 86 -1.71 10.99 6.30
N THR A 87 -2.68 10.46 5.57
CA THR A 87 -4.09 10.72 5.87
C THR A 87 -4.62 9.52 6.62
N ILE A 88 -5.54 9.76 7.57
CA ILE A 88 -6.04 8.69 8.42
C ILE A 88 -7.54 8.80 8.50
N ASP A 89 -8.20 7.67 8.25
CA ASP A 89 -9.65 7.52 8.36
C ASP A 89 -10.47 8.07 7.19
N ARG A 90 -10.05 9.21 6.66
CA ARG A 90 -10.74 9.83 5.54
C ARG A 90 -9.72 10.29 4.54
N SER A 91 -10.05 10.16 3.26
CA SER A 91 -9.11 10.49 2.20
C SER A 91 -9.12 11.96 1.77
N ALA A 92 -8.00 12.41 1.22
CA ALA A 92 -7.89 13.71 0.54
C ALA A 92 -8.03 13.52 -0.99
N ASN A 93 -8.61 14.52 -1.67
CA ASN A 93 -8.81 14.48 -3.13
C ASN A 93 -7.69 15.15 -3.91
N GLY A 94 -6.56 15.40 -3.27
CA GLY A 94 -5.47 16.15 -3.90
C GLY A 94 -4.27 16.28 -2.99
N GLY A 95 -3.21 16.89 -3.49
CA GLY A 95 -1.95 17.03 -2.74
C GLY A 95 -1.16 15.75 -2.79
N ASP A 96 0.07 15.76 -2.25
CA ASP A 96 0.89 14.56 -2.16
C ASP A 96 0.76 13.90 -0.80
N VAL A 97 0.19 12.70 -0.80
CA VAL A 97 0.02 11.92 0.40
C VAL A 97 0.78 10.61 0.27
N VAL A 98 1.68 10.34 1.21
CA VAL A 98 2.53 9.16 1.14
C VAL A 98 1.87 7.85 1.60
N CYS A 99 0.84 7.97 2.44
CA CYS A 99 0.06 6.83 2.91
C CYS A 99 -1.31 7.26 3.39
N HIS A 100 -2.29 6.40 3.13
CA HIS A 100 -3.64 6.59 3.59
C HIS A 100 -4.07 5.34 4.33
N ILE A 101 -4.60 5.53 5.55
CA ILE A 101 -4.97 4.44 6.44
C ILE A 101 -6.46 4.60 6.79
N ALA A 102 -7.28 3.63 6.45
CA ALA A 102 -8.73 3.73 6.72
C ALA A 102 -9.43 2.38 6.56
N SER A 103 -10.65 2.29 7.07
CA SER A 103 -11.49 1.13 6.82
C SER A 103 -11.96 1.11 5.37
N ASP A 104 -12.36 -0.08 4.92
CA ASP A 104 -13.07 -0.22 3.66
C ASP A 104 -14.52 0.14 3.91
N ASN A 105 -14.85 1.41 3.71
CA ASN A 105 -16.13 1.94 4.17
C ASN A 105 -17.27 1.57 3.24
N VAL A 106 -16.95 1.25 1.99
CA VAL A 106 -17.98 0.68 1.08
C VAL A 106 -18.36 -0.69 1.62
N LYS A 107 -17.36 -1.50 1.97
CA LYS A 107 -17.65 -2.81 2.56
C LYS A 107 -18.43 -2.68 3.87
N GLY A 108 -18.10 -1.68 4.70
CA GLY A 108 -18.81 -1.47 5.94
C GLY A 108 -20.30 -1.16 5.73
N GLY A 109 -20.61 -0.29 4.78
CA GLY A 109 -22.01 -0.05 4.44
C GLY A 109 -22.74 -1.29 3.94
N GLU A 110 -22.03 -2.12 3.19
CA GLU A 110 -22.60 -3.38 2.71
CA GLU A 110 -22.62 -3.36 2.71
C GLU A 110 -22.96 -4.26 3.89
N MET A 111 -22.05 -4.33 4.86
CA MET A 111 -22.24 -5.19 6.05
C MET A 111 -23.46 -4.80 6.84
N ALA A 112 -23.60 -3.49 7.07
CA ALA A 112 -24.78 -2.93 7.73
C ALA A 112 -26.10 -3.27 7.00
N ALA A 113 -26.07 -3.12 5.68
CA ALA A 113 -27.24 -3.42 4.84
C ALA A 113 -27.62 -4.90 4.90
N GLU A 114 -26.62 -5.76 4.79
CA GLU A 114 -26.86 -7.21 4.81
C GLU A 114 -27.49 -7.64 6.11
N PHE A 115 -26.98 -7.13 7.24
CA PHE A 115 -27.55 -7.43 8.53
C PHE A 115 -29.02 -6.99 8.58
N ILE A 116 -29.27 -5.75 8.21
CA ILE A 116 -30.62 -5.21 8.26
C ILE A 116 -31.56 -6.01 7.36
N ALA A 117 -31.12 -6.34 6.14
CA ALA A 117 -32.00 -7.02 5.19
C ALA A 117 -32.40 -8.41 5.72
N LYS A 118 -31.44 -9.14 6.29
CA LYS A 118 -31.67 -10.47 6.88
C LYS A 118 -32.59 -10.37 8.11
N ALA A 119 -32.25 -9.44 9.01
CA ALA A 119 -33.04 -9.22 10.23
C ALA A 119 -34.50 -8.87 9.94
N LEU A 120 -34.73 -8.18 8.83
CA LEU A 120 -36.07 -7.76 8.39
C LEU A 120 -36.73 -8.76 7.45
N LYS A 121 -36.09 -9.90 7.24
CA LYS A 121 -36.63 -10.92 6.34
CA LYS A 121 -36.63 -10.92 6.34
C LYS A 121 -36.87 -10.34 4.95
N GLY A 122 -36.02 -9.37 4.58
CA GLY A 122 -36.02 -8.77 3.25
C GLY A 122 -37.18 -7.84 2.97
N LYS A 123 -37.88 -7.40 4.01
CA LYS A 123 -39.03 -6.54 3.81
C LYS A 123 -39.14 -5.47 4.87
N GLY A 124 -39.40 -4.24 4.46
CA GLY A 124 -39.68 -3.17 5.38
C GLY A 124 -39.14 -1.82 4.99
N ASN A 125 -39.40 -0.85 5.86
CA ASN A 125 -38.97 0.54 5.63
C ASN A 125 -37.72 0.84 6.43
N VAL A 126 -36.72 1.39 5.75
CA VAL A 126 -35.43 1.68 6.34
C VAL A 126 -35.14 3.18 6.23
N VAL A 127 -34.59 3.73 7.31
CA VAL A 127 -34.13 5.12 7.37
C VAL A 127 -32.61 5.10 7.44
N GLU A 128 -31.96 5.98 6.67
CA GLU A 128 -30.51 6.09 6.74
C GLU A 128 -30.12 7.49 7.21
N LEU A 129 -29.34 7.56 8.28
CA LEU A 129 -28.78 8.79 8.78
C LEU A 129 -27.34 8.91 8.30
N GLU A 130 -27.11 9.84 7.38
CA GLU A 130 -25.81 9.96 6.73
C GLU A 130 -24.89 10.82 7.56
N GLY A 131 -23.59 10.65 7.38
CA GLY A 131 -22.61 11.46 8.06
C GLY A 131 -22.30 12.73 7.29
N ILE A 132 -21.16 13.33 7.62
CA ILE A 132 -20.70 14.56 6.98
C ILE A 132 -20.38 14.29 5.52
N PRO A 133 -21.10 14.94 4.59
CA PRO A 133 -20.94 14.62 3.17
C PRO A 133 -19.54 14.84 2.60
N GLY A 134 -18.76 15.72 3.24
CA GLY A 134 -17.37 15.97 2.88
C GLY A 134 -16.35 14.93 3.36
N ALA A 135 -16.85 13.89 4.03
CA ALA A 135 -16.03 12.79 4.49
C ALA A 135 -16.22 11.59 3.58
N SER A 136 -15.11 11.10 3.02
CA SER A 136 -15.08 9.87 2.22
C SER A 136 -15.75 8.73 2.97
N ALA A 137 -15.54 8.66 4.28
CA ALA A 137 -16.13 7.60 5.11
C ALA A 137 -17.65 7.55 4.95
N ALA A 138 -18.27 8.72 4.97
CA ALA A 138 -19.73 8.84 4.89
C ALA A 138 -20.24 8.42 3.51
N ARG A 139 -19.68 9.03 2.49
CA ARG A 139 -20.02 8.78 1.10
C ARG A 139 -19.92 7.30 0.73
N ASP A 140 -18.83 6.68 1.17
CA ASP A 140 -18.56 5.27 0.91
C ASP A 140 -19.57 4.34 1.60
N ARG A 141 -19.90 4.65 2.85
CA ARG A 141 -20.89 3.84 3.58
C ARG A 141 -22.24 3.92 2.91
N GLY A 142 -22.61 5.09 2.42
CA GLY A 142 -23.91 5.25 1.73
C GLY A 142 -23.95 4.42 0.47
N LYS A 143 -22.85 4.45 -0.28
CA LYS A 143 -22.73 3.69 -1.53
C LYS A 143 -22.80 2.17 -1.32
N GLY A 144 -22.05 1.67 -0.36
CA GLY A 144 -22.14 0.27 0.01
C GLY A 144 -23.52 -0.13 0.53
N PHE A 145 -24.10 0.71 1.36
CA PHE A 145 -25.42 0.42 1.92
C PHE A 145 -26.48 0.35 0.80
N ASP A 146 -26.47 1.32 -0.10
CA ASP A 146 -27.40 1.34 -1.23
C ASP A 146 -27.19 0.14 -2.12
N GLU A 147 -25.95 -0.20 -2.40
CA GLU A 147 -25.62 -1.32 -3.28
C GLU A 147 -26.17 -2.64 -2.75
N ALA A 148 -26.00 -2.85 -1.44
CA ALA A 148 -26.45 -4.08 -0.81
C ALA A 148 -27.98 -4.17 -0.65
N ILE A 149 -28.60 -3.09 -0.15
CA ILE A 149 -30.07 -3.05 0.07
C ILE A 149 -30.89 -3.12 -1.23
N ALA A 150 -30.32 -2.59 -2.32
CA ALA A 150 -30.96 -2.63 -3.66
C ALA A 150 -31.29 -4.06 -4.11
N LYS A 151 -30.52 -5.04 -3.66
CA LYS A 151 -30.80 -6.46 -4.01
C LYS A 151 -32.07 -7.01 -3.37
N TYR A 152 -32.65 -6.27 -2.43
CA TYR A 152 -33.83 -6.66 -1.67
C TYR A 152 -34.98 -5.72 -1.99
N PRO A 153 -35.70 -5.99 -3.11
CA PRO A 153 -36.69 -5.05 -3.62
C PRO A 153 -37.83 -4.65 -2.67
N ASP A 154 -38.17 -5.50 -1.72
CA ASP A 154 -39.22 -5.19 -0.73
C ASP A 154 -38.70 -4.35 0.45
N ILE A 155 -37.44 -3.94 0.41
CA ILE A 155 -36.91 -2.97 1.37
C ILE A 155 -36.89 -1.61 0.69
N LYS A 156 -37.51 -0.63 1.32
CA LYS A 156 -37.60 0.72 0.81
C LYS A 156 -36.88 1.65 1.79
N ILE A 157 -35.96 2.46 1.27
CA ILE A 157 -35.32 3.49 2.08
C ILE A 157 -36.28 4.67 2.04
N VAL A 158 -36.95 4.92 3.15
CA VAL A 158 -38.05 5.90 3.20
C VAL A 158 -37.56 7.30 3.53
N ALA A 159 -36.39 7.39 4.14
CA ALA A 159 -35.76 8.67 4.43
C ALA A 159 -34.23 8.49 4.44
N LYS A 160 -33.55 9.48 3.89
CA LYS A 160 -32.09 9.49 3.79
CA LYS A 160 -32.10 9.49 3.82
C LYS A 160 -31.64 10.94 4.02
N GLN A 161 -31.14 11.22 5.21
N GLN A 161 -31.13 11.22 5.21
CA GLN A 161 -30.81 12.59 5.63
CA GLN A 161 -30.81 12.60 5.64
C GLN A 161 -29.48 12.64 6.39
C GLN A 161 -29.51 12.65 6.42
N ALA A 162 -28.74 13.72 6.20
CA ALA A 162 -27.45 13.90 6.85
C ALA A 162 -27.63 14.41 8.26
N ALA A 163 -26.81 13.89 9.19
CA ALA A 163 -26.85 14.32 10.59
C ALA A 163 -25.44 14.50 11.13
N ASP A 164 -24.53 14.78 10.19
CA ASP A 164 -23.18 15.28 10.41
C ASP A 164 -22.36 14.59 11.49
N PHE A 165 -22.54 13.27 11.58
CA PHE A 165 -21.77 12.41 12.46
C PHE A 165 -21.88 12.83 13.93
N ASP A 166 -22.98 13.47 14.27
CA ASP A 166 -23.15 14.13 15.54
C ASP A 166 -24.42 13.66 16.26
N ARG A 167 -24.34 13.52 17.58
CA ARG A 167 -25.43 12.95 18.38
C ARG A 167 -26.67 13.86 18.50
N SER A 168 -26.42 15.16 18.67
CA SER A 168 -27.47 16.12 18.78
C SER A 168 -28.24 16.25 17.48
N LYS A 169 -27.51 16.35 16.37
N LYS A 169 -27.51 16.35 16.38
CA LYS A 169 -28.13 16.44 15.06
CA LYS A 169 -28.12 16.46 15.07
C LYS A 169 -28.84 15.15 14.70
C LYS A 169 -28.82 15.15 14.69
N GLY A 170 -28.35 14.03 15.23
CA GLY A 170 -28.98 12.73 15.01
C GLY A 170 -30.34 12.69 15.69
N LEU A 171 -30.41 13.25 16.90
CA LEU A 171 -31.68 13.37 17.60
C LEU A 171 -32.68 14.15 16.77
N SER A 172 -32.34 15.40 16.44
N SER A 172 -32.35 15.41 16.44
CA SER A 172 -33.26 16.32 15.79
CA SER A 172 -33.29 16.31 15.79
C SER A 172 -33.71 15.79 14.44
C SER A 172 -33.72 15.79 14.43
N VAL A 173 -32.77 15.24 13.67
CA VAL A 173 -33.09 14.68 12.36
C VAL A 173 -34.04 13.48 12.53
N MET A 174 -33.74 12.61 13.48
CA MET A 174 -34.59 11.45 13.72
C MET A 174 -36.00 11.86 14.19
N GLU A 175 -36.08 12.90 15.04
CA GLU A 175 -37.37 13.50 15.41
C GLU A 175 -38.21 13.79 14.16
N ASN A 176 -37.67 14.61 13.27
CA ASN A 176 -38.37 14.95 12.03
C ASN A 176 -38.81 13.72 11.24
N ILE A 177 -37.93 12.73 11.15
CA ILE A 177 -38.19 11.56 10.32
C ILE A 177 -39.33 10.74 10.95
N LEU A 178 -39.24 10.54 12.26
CA LEU A 178 -40.30 9.86 13.03
C LEU A 178 -41.67 10.51 12.82
N GLN A 179 -41.71 11.83 12.78
CA GLN A 179 -42.94 12.59 12.59
C GLN A 179 -43.50 12.38 11.17
N ALA A 180 -42.61 12.26 10.20
CA ALA A 180 -42.99 12.15 8.80
C ALA A 180 -43.19 10.71 8.35
N GLN A 181 -42.74 9.75 9.14
CA GLN A 181 -42.74 8.34 8.74
C GLN A 181 -43.25 7.44 9.86
N PRO A 182 -44.55 7.10 9.83
CA PRO A 182 -45.12 6.27 10.89
C PRO A 182 -44.67 4.79 10.85
N LYS A 183 -44.12 4.34 9.72
CA LYS A 183 -43.63 2.96 9.60
C LYS A 183 -42.13 2.98 9.28
N ILE A 184 -41.34 2.67 10.30
CA ILE A 184 -39.91 2.54 10.18
C ILE A 184 -39.53 1.25 10.84
N ASP A 185 -38.87 0.38 10.09
CA ASP A 185 -38.51 -0.94 10.58
C ASP A 185 -37.06 -1.08 10.98
N ALA A 186 -36.20 -0.23 10.43
CA ALA A 186 -34.78 -0.25 10.75
C ALA A 186 -34.19 1.11 10.45
N VAL A 187 -33.13 1.44 11.20
CA VAL A 187 -32.31 2.63 11.00
C VAL A 187 -30.84 2.24 10.90
N PHE A 188 -30.20 2.62 9.80
CA PHE A 188 -28.74 2.60 9.70
C PHE A 188 -28.23 4.03 9.89
N ALA A 189 -27.48 4.26 10.96
CA ALA A 189 -26.71 5.49 11.16
C ALA A 189 -25.26 5.24 10.81
N GLN A 190 -24.67 6.16 10.07
CA GLN A 190 -23.31 6.01 9.55
C GLN A 190 -22.25 6.23 10.60
N ASN A 191 -22.66 6.62 11.81
CA ASN A 191 -21.82 6.41 12.97
C ASN A 191 -22.60 6.23 14.23
N ASP A 192 -21.92 5.80 15.28
CA ASP A 192 -22.56 5.48 16.54
C ASP A 192 -23.15 6.69 17.20
N GLU A 193 -22.50 7.85 17.07
CA GLU A 193 -23.02 9.08 17.69
C GLU A 193 -24.38 9.43 17.17
N MET A 194 -24.55 9.39 15.85
CA MET A 194 -25.86 9.59 15.27
C MET A 194 -26.84 8.49 15.69
N ALA A 195 -26.36 7.25 15.79
CA ALA A 195 -27.22 6.14 16.19
C ALA A 195 -27.75 6.34 17.60
N LEU A 196 -26.88 6.83 18.49
CA LEU A 196 -27.30 7.07 19.87
C LEU A 196 -28.32 8.19 19.96
N GLY A 197 -28.14 9.24 19.14
CA GLY A 197 -29.09 10.33 19.08
C GLY A 197 -30.43 9.86 18.55
N ALA A 198 -30.41 8.98 17.57
CA ALA A 198 -31.64 8.46 16.97
C ALA A 198 -32.41 7.64 18.00
N ILE A 199 -31.68 6.88 18.80
CA ILE A 199 -32.28 6.05 19.83
C ILE A 199 -33.05 6.94 20.80
N LYS A 200 -32.42 8.03 21.25
CA LYS A 200 -33.09 8.99 22.13
C LYS A 200 -34.40 9.48 21.49
N ALA A 201 -34.35 9.89 20.23
CA ALA A 201 -35.56 10.32 19.53
C ALA A 201 -36.64 9.23 19.48
N ILE A 202 -36.22 7.99 19.26
CA ILE A 202 -37.13 6.84 19.15
C ILE A 202 -37.81 6.53 20.50
N GLU A 203 -37.01 6.54 21.56
CA GLU A 203 -37.48 6.31 22.92
C GLU A 203 -38.40 7.44 23.37
N ALA A 204 -38.09 8.66 22.95
CA ALA A 204 -38.92 9.81 23.25
C ALA A 204 -40.28 9.66 22.58
N ALA A 205 -40.28 9.29 21.30
CA ALA A 205 -41.51 9.12 20.54
C ALA A 205 -42.30 7.84 20.92
N ASN A 206 -41.74 7.04 21.83
CA ASN A 206 -42.29 5.74 22.21
C ASN A 206 -42.53 4.86 20.98
N ARG A 207 -41.48 4.78 20.14
CA ARG A 207 -41.43 3.84 19.03
C ARG A 207 -40.71 2.57 19.47
N GLN A 208 -41.11 1.44 18.90
CA GLN A 208 -40.83 0.15 19.54
C GLN A 208 -39.42 -0.49 19.36
N GLY A 209 -39.22 -1.42 18.42
CA GLY A 209 -39.97 -1.56 17.18
C GLY A 209 -38.91 -1.56 16.07
N ILE A 210 -37.89 -0.73 16.27
CA ILE A 210 -36.91 -0.37 15.23
C ILE A 210 -35.53 -0.98 15.50
N ILE A 211 -35.01 -1.68 14.51
CA ILE A 211 -33.66 -2.23 14.53
C ILE A 211 -32.67 -1.10 14.19
N VAL A 212 -31.83 -0.69 15.14
CA VAL A 212 -30.88 0.41 14.93
C VAL A 212 -29.48 -0.16 14.81
N VAL A 213 -28.81 0.18 13.70
CA VAL A 213 -27.46 -0.29 13.43
C VAL A 213 -26.55 0.92 13.31
N GLY A 214 -25.46 0.93 14.07
CA GLY A 214 -24.50 2.05 14.04
C GLY A 214 -23.25 1.73 13.23
N PHE A 215 -22.21 2.52 13.44
CA PHE A 215 -20.91 2.30 12.82
C PHE A 215 -19.85 2.87 13.77
N ASP A 216 -18.86 2.05 14.12
CA ASP A 216 -17.63 2.46 14.87
C ASP A 216 -17.24 1.49 15.98
N GLY A 217 -18.23 1.01 16.71
CA GLY A 217 -17.93 0.16 17.85
C GLY A 217 -17.43 0.94 19.05
N THR A 218 -17.97 2.14 19.24
CA THR A 218 -17.64 2.94 20.44
C THR A 218 -18.22 2.32 21.71
N GLU A 219 -17.61 2.68 22.85
CA GLU A 219 -18.07 2.17 24.14
C GLU A 219 -19.56 2.44 24.35
N ASP A 220 -20.03 3.65 24.07
CA ASP A 220 -21.46 3.95 24.22
C ASP A 220 -22.35 3.08 23.35
N ALA A 221 -21.89 2.76 22.13
CA ALA A 221 -22.63 1.87 21.23
C ALA A 221 -22.69 0.43 21.79
N LEU A 222 -21.56 -0.08 22.27
CA LEU A 222 -21.49 -1.43 22.77
C LEU A 222 -22.40 -1.60 23.99
N LYS A 223 -22.51 -0.53 24.77
CA LYS A 223 -23.39 -0.49 25.94
C LYS A 223 -24.83 -0.48 25.48
N ALA A 224 -25.14 0.31 24.46
CA ALA A 224 -26.46 0.32 23.85
C ALA A 224 -26.88 -1.07 23.33
N ILE A 225 -25.92 -1.84 22.84
CA ILE A 225 -26.18 -3.17 22.29
C ILE A 225 -26.49 -4.17 23.41
N LYS A 226 -25.67 -4.17 24.45
CA LYS A 226 -25.91 -4.99 25.65
C LYS A 226 -27.26 -4.70 26.26
N GLU A 227 -27.64 -3.43 26.29
CA GLU A 227 -28.96 -3.02 26.81
C GLU A 227 -30.10 -3.31 25.86
N GLY A 228 -29.78 -3.74 24.63
CA GLY A 228 -30.81 -4.04 23.64
C GLY A 228 -31.39 -2.81 22.97
N LYS A 229 -30.81 -1.64 23.21
CA LYS A 229 -31.27 -0.41 22.56
C LYS A 229 -30.77 -0.33 21.11
N MET A 230 -29.60 -0.90 20.85
CA MET A 230 -29.04 -0.97 19.51
C MET A 230 -28.86 -2.43 19.11
N ALA A 231 -29.20 -2.74 17.87
CA ALA A 231 -29.15 -4.10 17.35
C ALA A 231 -27.72 -4.52 16.98
N ALA A 232 -26.99 -3.62 16.35
CA ALA A 232 -25.65 -3.94 15.86
C ALA A 232 -24.86 -2.67 15.58
N THR A 233 -23.56 -2.84 15.40
CA THR A 233 -22.71 -1.78 14.88
C THR A 233 -21.63 -2.43 14.04
N ILE A 234 -21.04 -1.67 13.13
CA ILE A 234 -19.89 -2.13 12.39
C ILE A 234 -18.66 -1.59 13.09
N ALA A 235 -17.99 -2.47 13.83
CA ALA A 235 -16.84 -2.07 14.63
C ALA A 235 -15.64 -1.73 13.75
N GLN A 236 -15.05 -0.55 14.02
CA GLN A 236 -13.79 -0.13 13.43
C GLN A 236 -12.66 -0.21 14.48
N GLN A 237 -11.43 0.04 14.03
CA GLN A 237 -10.26 0.00 14.88
C GLN A 237 -9.54 1.36 14.90
N PRO A 238 -10.18 2.34 15.50
CA PRO A 238 -9.60 3.68 15.56
C PRO A 238 -8.19 3.67 16.15
N ALA A 239 -7.98 2.95 17.25
CA ALA A 239 -6.68 2.99 17.94
C ALA A 239 -5.58 2.46 17.04
N LEU A 240 -5.87 1.43 16.26
CA LEU A 240 -4.94 0.89 15.28
C LEU A 240 -4.63 1.81 14.11
N MET A 241 -5.64 2.59 13.70
CA MET A 241 -5.46 3.57 12.64
C MET A 241 -4.43 4.61 13.07
N GLY A 242 -4.58 5.08 14.29
CA GLY A 242 -3.64 6.05 14.86
C GLY A 242 -2.26 5.45 15.04
N SER A 243 -2.22 4.20 15.48
CA SER A 243 -0.96 3.49 15.70
C SER A 243 -0.22 3.29 14.39
N LEU A 244 -0.92 2.76 13.39
CA LEU A 244 -0.33 2.59 12.06
C LEU A 244 0.19 3.89 11.46
N GLY A 245 -0.53 4.99 11.71
CA GLY A 245 -0.15 6.30 11.18
C GLY A 245 1.23 6.70 11.64
N VAL A 246 1.47 6.53 12.94
CA VAL A 246 2.76 6.77 13.54
C VAL A 246 3.81 5.78 13.04
N GLU A 247 3.46 4.50 12.97
CA GLU A 247 4.35 3.47 12.41
C GLU A 247 4.86 3.82 11.02
N MET A 248 3.94 4.18 10.12
CA MET A 248 4.30 4.49 8.73
C MET A 248 5.08 5.79 8.65
N ALA A 249 4.72 6.74 9.51
CA ALA A 249 5.49 7.99 9.60
C ALA A 249 6.96 7.64 9.91
N ASP A 250 7.15 6.84 10.96
CA ASP A 250 8.48 6.39 11.41
C ASP A 250 9.27 5.75 10.27
N LYS A 251 8.67 4.76 9.59
CA LYS A 251 9.31 4.08 8.48
C LYS A 251 9.68 5.07 7.37
N TYR A 252 8.77 5.96 7.04
CA TYR A 252 9.00 6.92 5.98
C TYR A 252 10.20 7.82 6.32
N LEU A 253 10.25 8.21 7.58
CA LEU A 253 11.28 9.14 8.05
C LEU A 253 12.65 8.45 8.04
N LYS A 254 12.66 7.14 8.19
CA LYS A 254 13.87 6.33 8.07
C LYS A 254 14.26 5.96 6.63
N GLY A 255 13.61 6.57 5.64
CA GLY A 255 13.99 6.40 4.23
C GLY A 255 13.42 5.17 3.55
N GLU A 256 12.52 4.48 4.26
CA GLU A 256 11.92 3.23 3.79
C GLU A 256 10.64 3.50 3.00
N LYS A 257 10.47 2.79 1.89
CA LYS A 257 9.25 2.90 1.09
C LYS A 257 8.13 2.17 1.83
N ILE A 258 6.94 2.77 1.80
CA ILE A 258 5.79 2.21 2.50
C ILE A 258 4.64 2.02 1.50
N PRO A 259 3.69 1.13 1.81
CA PRO A 259 2.56 1.04 0.92
C PRO A 259 1.81 2.34 1.01
N ASN A 260 1.07 2.69 -0.01
CA ASN A 260 0.38 3.98 0.03
C ASN A 260 -1.05 3.86 0.56
N PHE A 261 -1.50 2.64 0.79
CA PHE A 261 -2.81 2.43 1.38
C PHE A 261 -2.76 1.23 2.29
N ILE A 262 -3.32 1.38 3.48
CA ILE A 262 -3.44 0.29 4.41
C ILE A 262 -4.89 0.26 4.91
N PRO A 263 -5.62 -0.82 4.57
CA PRO A 263 -6.97 -0.98 5.07
C PRO A 263 -7.00 -1.46 6.52
N ALA A 264 -7.95 -0.95 7.29
CA ALA A 264 -8.20 -1.36 8.66
C ALA A 264 -9.45 -2.24 8.68
N GLU A 265 -9.40 -3.37 9.38
CA GLU A 265 -10.50 -4.34 9.27
C GLU A 265 -11.73 -3.94 10.07
N LEU A 266 -12.88 -4.41 9.58
CA LEU A 266 -14.19 -4.16 10.16
C LEU A 266 -14.78 -5.44 10.68
N LYS A 267 -15.62 -5.34 11.72
CA LYS A 267 -16.29 -6.52 12.29
C LYS A 267 -17.70 -6.14 12.70
N LEU A 268 -18.67 -6.95 12.29
CA LEU A 268 -20.05 -6.74 12.72
C LEU A 268 -20.18 -7.19 14.17
N ILE A 269 -20.77 -6.34 15.02
CA ILE A 269 -20.97 -6.63 16.43
C ILE A 269 -22.46 -6.63 16.74
N THR A 270 -22.95 -7.76 17.26
CA THR A 270 -24.28 -7.89 17.81
C THR A 270 -24.21 -8.27 19.29
N LYS A 271 -25.35 -8.42 19.94
CA LYS A 271 -25.44 -8.95 21.31
C LYS A 271 -24.69 -10.28 21.46
N GLU A 272 -24.73 -11.09 20.40
CA GLU A 272 -24.12 -12.42 20.44
C GLU A 272 -22.60 -12.39 20.58
N ASN A 273 -21.94 -11.39 20.01
CA ASN A 273 -20.48 -11.31 20.15
C ASN A 273 -19.97 -10.00 20.80
N VAL A 274 -20.86 -9.15 21.30
CA VAL A 274 -20.43 -7.96 22.03
C VAL A 274 -19.63 -8.44 23.23
N GLN A 275 -18.71 -8.33 23.10
CA GLN A 275 -17.56 -7.99 23.94
C GLN A 275 -16.51 -9.08 23.94
N LYS B 2 -12.20 -17.31 -14.12
CA LYS B 2 -11.46 -16.14 -14.66
C LYS B 2 -9.96 -16.42 -14.85
N THR B 3 -9.31 -15.57 -15.62
CA THR B 3 -7.98 -15.80 -16.14
C THR B 3 -7.06 -14.58 -15.98
N ILE B 4 -5.86 -14.84 -15.47
CA ILE B 4 -4.82 -13.84 -15.30
C ILE B 4 -3.75 -14.06 -16.36
N GLY B 5 -3.31 -12.98 -16.96
CA GLY B 5 -2.18 -12.98 -17.88
C GLY B 5 -0.97 -12.45 -17.15
N LEU B 6 0.11 -13.24 -17.14
CA LEU B 6 1.36 -12.84 -16.51
C LEU B 6 2.45 -12.77 -17.58
N VAL B 7 2.96 -11.56 -17.77
CA VAL B 7 3.95 -11.27 -18.76
C VAL B 7 5.24 -10.89 -18.05
N ILE B 8 6.26 -11.74 -18.21
N ILE B 8 6.28 -11.67 -18.27
CA ILE B 8 7.52 -11.70 -17.46
CA ILE B 8 7.48 -11.59 -17.47
C ILE B 8 8.68 -11.32 -18.39
C ILE B 8 8.70 -11.36 -18.36
N SER B 9 9.61 -10.49 -17.91
CA SER B 9 10.72 -10.02 -18.76
C SER B 9 11.51 -11.16 -19.38
N THR B 10 11.91 -12.11 -18.54
CA THR B 10 12.60 -13.32 -19.02
C THR B 10 12.48 -14.47 -18.04
N LEU B 11 12.32 -15.69 -18.56
CA LEU B 11 12.43 -16.88 -17.74
C LEU B 11 13.83 -17.52 -17.72
N ASN B 12 14.81 -16.86 -18.34
N ASN B 12 14.83 -16.89 -18.34
CA ASN B 12 16.20 -17.33 -18.32
CA ASN B 12 16.18 -17.42 -18.27
C ASN B 12 16.93 -16.97 -17.03
C ASN B 12 16.77 -17.24 -16.87
N ASN B 13 16.22 -16.28 -16.13
CA ASN B 13 16.73 -15.86 -14.82
C ASN B 13 15.97 -16.56 -13.69
N PRO B 14 16.68 -17.28 -12.78
CA PRO B 14 15.97 -18.01 -11.72
C PRO B 14 15.04 -17.16 -10.85
N PHE B 15 15.37 -15.89 -10.68
CA PHE B 15 14.54 -14.96 -9.93
C PHE B 15 13.12 -14.92 -10.50
N PHE B 16 13.04 -14.80 -11.81
CA PHE B 16 11.74 -14.67 -12.46
C PHE B 16 10.98 -15.98 -12.53
N VAL B 17 11.72 -17.09 -12.58
CA VAL B 17 11.09 -18.42 -12.42
C VAL B 17 10.39 -18.51 -11.06
N THR B 18 11.08 -18.06 -10.01
CA THR B 18 10.51 -18.08 -8.68
C THR B 18 9.27 -17.17 -8.60
N LEU B 19 9.34 -15.99 -9.19
CA LEU B 19 8.23 -15.04 -9.20
C LEU B 19 7.01 -15.67 -9.93
N LYS B 20 7.27 -16.31 -11.05
CA LYS B 20 6.25 -17.03 -11.81
C LYS B 20 5.58 -18.08 -10.92
N ASN B 21 6.37 -18.89 -10.22
CA ASN B 21 5.84 -19.95 -9.35
C ASN B 21 4.96 -19.43 -8.20
N GLY B 22 5.32 -18.29 -7.63
CA GLY B 22 4.49 -17.66 -6.60
C GLY B 22 3.14 -17.23 -7.15
N ALA B 23 3.14 -16.64 -8.33
CA ALA B 23 1.91 -16.27 -9.02
C ALA B 23 1.02 -17.48 -9.34
N GLU B 24 1.63 -18.53 -9.85
CA GLU B 24 0.89 -19.76 -10.19
C GLU B 24 0.28 -20.41 -8.94
N GLU B 25 1.05 -20.50 -7.87
CA GLU B 25 0.57 -21.06 -6.61
C GLU B 25 -0.61 -20.29 -6.04
N LYS B 26 -0.55 -18.97 -6.08
CA LYS B 26 -1.64 -18.16 -5.58
C LYS B 26 -2.85 -18.22 -6.51
N ALA B 27 -2.60 -18.26 -7.82
CA ALA B 27 -3.68 -18.40 -8.80
C ALA B 27 -4.46 -19.72 -8.58
N LYS B 28 -3.74 -20.83 -8.51
CA LYS B 28 -4.35 -22.15 -8.22
C LYS B 28 -5.21 -22.06 -6.97
N GLU B 29 -4.61 -21.51 -5.91
CA GLU B 29 -5.28 -21.35 -4.62
C GLU B 29 -6.57 -20.52 -4.69
N LEU B 30 -6.58 -19.49 -5.52
CA LEU B 30 -7.72 -18.59 -5.60
C LEU B 30 -8.69 -18.96 -6.72
N GLY B 31 -8.36 -20.00 -7.50
CA GLY B 31 -9.31 -20.51 -8.51
C GLY B 31 -9.23 -19.82 -9.86
N TYR B 32 -8.09 -19.18 -10.12
CA TYR B 32 -7.85 -18.53 -11.40
C TYR B 32 -7.00 -19.41 -12.29
N LYS B 33 -7.30 -19.37 -13.58
CA LYS B 33 -6.37 -19.82 -14.59
C LYS B 33 -5.31 -18.73 -14.77
N ILE B 34 -4.11 -19.14 -15.15
CA ILE B 34 -3.00 -18.21 -15.33
C ILE B 34 -2.22 -18.62 -16.57
N ILE B 35 -1.98 -17.66 -17.45
CA ILE B 35 -1.25 -17.87 -18.67
C ILE B 35 0.01 -17.06 -18.57
N VAL B 36 1.16 -17.73 -18.56
CA VAL B 36 2.44 -17.04 -18.39
C VAL B 36 3.15 -16.93 -19.71
N GLU B 37 3.54 -15.71 -20.10
CA GLU B 37 4.30 -15.50 -21.31
C GLU B 37 5.66 -14.81 -21.05
N ASP B 38 6.69 -15.39 -21.65
CA ASP B 38 8.06 -14.89 -21.59
C ASP B 38 8.36 -13.85 -22.65
N SER B 39 8.71 -12.64 -22.23
CA SER B 39 9.07 -11.58 -23.18
C SER B 39 10.49 -11.67 -23.76
N GLN B 40 11.33 -12.57 -23.21
CA GLN B 40 12.67 -12.84 -23.78
C GLN B 40 13.55 -11.60 -23.78
N ASN B 41 13.34 -10.76 -22.78
CA ASN B 41 14.02 -9.48 -22.68
C ASN B 41 13.87 -8.61 -23.92
N ASP B 42 12.75 -8.74 -24.62
CA ASP B 42 12.52 -8.05 -25.89
C ASP B 42 11.20 -7.30 -25.82
N SER B 43 11.23 -5.99 -26.03
CA SER B 43 10.01 -5.21 -25.92
C SER B 43 9.00 -5.51 -27.05
N SER B 44 9.49 -5.92 -28.22
N SER B 44 9.47 -5.93 -28.22
CA SER B 44 8.59 -6.31 -29.31
CA SER B 44 8.56 -6.30 -29.30
C SER B 44 7.85 -7.60 -28.97
C SER B 44 7.85 -7.61 -28.97
N LYS B 45 8.55 -8.54 -28.35
CA LYS B 45 7.95 -9.81 -27.92
C LYS B 45 6.96 -9.58 -26.77
N GLU B 46 7.35 -8.71 -25.84
CA GLU B 46 6.43 -8.27 -24.79
C GLU B 46 5.12 -7.75 -25.35
N LEU B 47 5.21 -6.85 -26.34
CA LEU B 47 4.03 -6.25 -26.95
C LEU B 47 3.16 -7.31 -27.58
N SER B 48 3.78 -8.24 -28.30
N SER B 48 3.77 -8.26 -28.29
CA SER B 48 3.07 -9.38 -28.89
CA SER B 48 3.04 -9.37 -28.91
C SER B 48 2.38 -10.21 -27.84
C SER B 48 2.40 -10.28 -27.87
N ASN B 49 3.10 -10.50 -26.75
CA ASN B 49 2.57 -11.27 -25.64
C ASN B 49 1.31 -10.61 -25.01
N VAL B 50 1.40 -9.31 -24.77
CA VAL B 50 0.27 -8.56 -24.23
C VAL B 50 -0.91 -8.56 -25.20
N GLU B 51 -0.64 -8.36 -26.48
CA GLU B 51 -1.68 -8.40 -27.52
C GLU B 51 -2.36 -9.76 -27.62
N ASP B 52 -1.61 -10.84 -27.43
CA ASP B 52 -2.15 -12.19 -27.37
C ASP B 52 -3.09 -12.37 -26.18
N LEU B 53 -2.66 -11.90 -25.01
CA LEU B 53 -3.49 -12.01 -23.83
C LEU B 53 -4.75 -11.11 -23.92
N ILE B 54 -4.60 -9.92 -24.49
CA ILE B 54 -5.76 -9.08 -24.79
C ILE B 54 -6.77 -9.78 -25.73
N GLN B 55 -6.27 -10.45 -26.76
CA GLN B 55 -7.10 -11.22 -27.69
C GLN B 55 -7.75 -12.40 -27.00
N GLN B 56 -7.05 -12.99 -26.04
CA GLN B 56 -7.60 -14.09 -25.24
C GLN B 56 -8.60 -13.59 -24.22
N LYS B 57 -8.72 -12.27 -24.10
CA LYS B 57 -9.65 -11.61 -23.16
C LYS B 57 -9.36 -11.95 -21.70
N VAL B 58 -8.08 -11.94 -21.31
CA VAL B 58 -7.75 -12.15 -19.90
C VAL B 58 -8.44 -11.07 -19.05
N ASP B 59 -8.72 -11.39 -17.80
CA ASP B 59 -9.41 -10.46 -16.89
C ASP B 59 -8.50 -9.44 -16.21
N VAL B 60 -7.23 -9.80 -16.00
CA VAL B 60 -6.23 -8.86 -15.50
C VAL B 60 -4.84 -9.22 -16.04
N LEU B 61 -4.02 -8.19 -16.24
N LEU B 61 -4.02 -8.20 -16.27
CA LEU B 61 -2.65 -8.35 -16.76
CA LEU B 61 -2.66 -8.39 -16.75
C LEU B 61 -1.64 -8.00 -15.67
C LEU B 61 -1.67 -8.02 -15.64
N LEU B 62 -0.81 -8.96 -15.29
CA LEU B 62 0.34 -8.70 -14.42
C LEU B 62 1.54 -8.64 -15.37
N ILE B 63 2.30 -7.55 -15.30
N ILE B 63 2.28 -7.53 -15.29
CA ILE B 63 3.41 -7.36 -16.20
CA ILE B 63 3.39 -7.24 -16.20
C ILE B 63 4.68 -6.87 -15.51
C ILE B 63 4.67 -6.91 -15.43
N ASN B 64 5.77 -7.54 -15.85
CA ASN B 64 7.10 -7.20 -15.41
C ASN B 64 7.81 -6.60 -16.62
N PRO B 65 7.78 -5.26 -16.75
CA PRO B 65 8.28 -4.59 -17.93
C PRO B 65 9.73 -4.87 -18.33
N VAL B 66 9.91 -5.09 -19.62
CA VAL B 66 11.22 -5.16 -20.23
C VAL B 66 11.92 -3.82 -20.21
N ASP B 67 11.18 -2.73 -20.50
CA ASP B 67 11.74 -1.39 -20.51
C ASP B 67 10.71 -0.43 -19.96
N SER B 68 11.16 0.55 -19.17
CA SER B 68 10.27 1.48 -18.47
C SER B 68 9.40 2.29 -19.42
N ASP B 69 9.96 2.70 -20.55
CA ASP B 69 9.27 3.55 -21.51
C ASP B 69 8.60 2.70 -22.59
N ALA B 70 9.30 1.70 -23.10
CA ALA B 70 8.76 0.90 -24.20
C ALA B 70 7.46 0.18 -23.84
N VAL B 71 7.33 -0.25 -22.58
CA VAL B 71 6.16 -1.00 -22.10
C VAL B 71 4.87 -0.18 -22.14
N VAL B 72 4.99 1.14 -22.12
CA VAL B 72 3.83 2.04 -22.06
C VAL B 72 2.83 1.76 -23.18
N THR B 73 3.32 1.51 -24.39
CA THR B 73 2.44 1.20 -25.51
C THR B 73 1.56 0.00 -25.22
N ALA B 74 2.15 -1.07 -24.72
CA ALA B 74 1.40 -2.30 -24.42
C ALA B 74 0.38 -2.03 -23.33
N ILE B 75 0.77 -1.24 -22.33
CA ILE B 75 -0.10 -0.95 -21.20
C ILE B 75 -1.28 -0.10 -21.71
N LYS B 76 -0.99 0.90 -22.53
CA LYS B 76 -2.05 1.72 -23.14
C LYS B 76 -3.00 0.92 -24.02
N GLU B 77 -2.51 -0.13 -24.70
CA GLU B 77 -3.40 -1.06 -25.46
C GLU B 77 -4.30 -1.88 -24.55
N ALA B 78 -3.78 -2.27 -23.39
CA ALA B 78 -4.56 -2.95 -22.38
C ALA B 78 -5.60 -1.99 -21.77
N ASN B 79 -5.17 -0.75 -21.53
CA ASN B 79 -6.04 0.32 -21.01
C ASN B 79 -7.25 0.57 -21.89
N SER B 80 -6.99 0.65 -23.19
CA SER B 80 -8.02 0.88 -24.19
C SER B 80 -8.99 -0.28 -24.32
N LYS B 81 -8.61 -1.47 -23.84
CA LYS B 81 -9.50 -2.62 -23.83
C LYS B 81 -10.03 -2.96 -22.42
N ASN B 82 -9.85 -2.05 -21.48
CA ASN B 82 -10.42 -2.19 -20.14
C ASN B 82 -9.93 -3.46 -19.43
N ILE B 83 -8.64 -3.78 -19.59
CA ILE B 83 -8.01 -4.86 -18.86
C ILE B 83 -7.10 -4.21 -17.80
N PRO B 84 -7.40 -4.40 -16.49
CA PRO B 84 -6.57 -3.81 -15.46
C PRO B 84 -5.14 -4.34 -15.50
N VAL B 85 -4.20 -3.44 -15.26
CA VAL B 85 -2.79 -3.74 -15.32
C VAL B 85 -2.13 -3.55 -13.95
N ILE B 86 -1.46 -4.58 -13.46
CA ILE B 86 -0.63 -4.49 -12.27
C ILE B 86 0.83 -4.71 -12.67
N THR B 87 1.73 -3.83 -12.23
CA THR B 87 3.13 -4.01 -12.57
C THR B 87 3.84 -4.67 -11.42
N ILE B 88 4.82 -5.51 -11.74
CA ILE B 88 5.52 -6.25 -10.73
C ILE B 88 7.02 -6.17 -10.95
N ASP B 89 7.73 -5.85 -9.86
CA ASP B 89 9.21 -5.85 -9.80
C ASP B 89 9.87 -4.63 -10.46
N ARG B 90 9.33 -4.17 -11.58
CA ARG B 90 9.83 -2.98 -12.29
C ARG B 90 8.65 -2.15 -12.68
N SER B 91 8.81 -0.84 -12.64
CA SER B 91 7.72 0.07 -12.93
C SER B 91 7.63 0.47 -14.40
N ALA B 92 6.46 0.97 -14.78
CA ALA B 92 6.24 1.57 -16.09
C ALA B 92 6.21 3.11 -15.94
N ASN B 93 6.70 3.83 -16.95
N ASN B 93 6.70 3.80 -16.96
CA ASN B 93 6.77 5.30 -16.93
CA ASN B 93 6.78 5.27 -16.97
C ASN B 93 5.56 5.98 -17.58
C ASN B 93 5.62 5.87 -17.76
N GLY B 94 4.43 5.28 -17.63
CA GLY B 94 3.25 5.78 -18.33
C GLY B 94 2.17 4.74 -18.31
N GLY B 95 1.02 5.07 -18.90
CA GLY B 95 -0.15 4.20 -18.92
C GLY B 95 -0.81 4.14 -17.56
N ASP B 96 -2.03 3.61 -17.52
CA ASP B 96 -2.78 3.45 -16.27
C ASP B 96 -2.51 2.08 -15.66
N VAL B 97 -1.94 2.11 -14.45
CA VAL B 97 -1.64 0.93 -13.68
C VAL B 97 -2.34 1.03 -12.33
N VAL B 98 -3.04 -0.03 -11.94
CA VAL B 98 -3.84 -0.04 -10.73
C VAL B 98 -3.02 -0.37 -9.47
N CYS B 99 -1.94 -1.15 -9.64
CA CYS B 99 -1.07 -1.47 -8.54
C CYS B 99 0.36 -1.73 -9.03
N HIS B 100 1.33 -1.28 -8.26
CA HIS B 100 2.73 -1.62 -8.49
C HIS B 100 3.34 -2.28 -7.25
N ILE B 101 3.94 -3.44 -7.45
CA ILE B 101 4.55 -4.21 -6.36
C ILE B 101 6.02 -4.41 -6.68
N ALA B 102 6.92 -3.97 -5.80
CA ALA B 102 8.36 -4.12 -6.06
C ALA B 102 9.16 -3.93 -4.78
N SER B 103 10.45 -4.27 -4.80
CA SER B 103 11.32 -3.95 -3.68
C SER B 103 11.67 -2.45 -3.66
N ASP B 104 12.11 -1.98 -2.50
CA ASP B 104 12.72 -0.68 -2.35
C ASP B 104 14.14 -0.77 -2.87
N ASN B 105 14.28 -0.63 -4.19
CA ASN B 105 15.57 -0.96 -4.82
C ASN B 105 16.66 0.08 -4.54
N VAL B 106 16.25 1.31 -4.22
CA VAL B 106 17.23 2.30 -3.79
C VAL B 106 17.80 1.89 -2.44
N LYS B 107 16.92 1.54 -1.50
CA LYS B 107 17.39 1.01 -0.23
C LYS B 107 18.25 -0.26 -0.43
N GLY B 108 17.88 -1.15 -1.35
CA GLY B 108 18.72 -2.32 -1.67
C GLY B 108 20.14 -2.00 -2.08
N GLY B 109 20.31 -1.02 -2.95
CA GLY B 109 21.63 -0.52 -3.34
C GLY B 109 22.43 0.07 -2.20
N GLU B 110 21.74 0.81 -1.34
CA GLU B 110 22.37 1.32 -0.10
C GLU B 110 22.87 0.20 0.81
N MET B 111 22.07 -0.85 1.01
CA MET B 111 22.41 -2.00 1.85
C MET B 111 23.67 -2.68 1.37
N ALA B 112 23.76 -2.87 0.05
CA ALA B 112 24.93 -3.51 -0.55
C ALA B 112 26.19 -2.65 -0.38
N ALA B 113 26.02 -1.35 -0.58
CA ALA B 113 27.10 -0.36 -0.38
C ALA B 113 27.62 -0.34 1.05
N GLU B 114 26.69 -0.27 1.99
CA GLU B 114 27.03 -0.20 3.40
C GLU B 114 27.77 -1.44 3.84
N PHE B 115 27.31 -2.63 3.39
CA PHE B 115 28.03 -3.86 3.68
C PHE B 115 29.46 -3.81 3.14
N ILE B 116 29.61 -3.44 1.87
CA ILE B 116 30.91 -3.37 1.23
C ILE B 116 31.83 -2.38 1.94
N ALA B 117 31.30 -1.21 2.28
CA ALA B 117 32.13 -0.17 2.89
C ALA B 117 32.62 -0.64 4.25
N LYS B 118 31.76 -1.29 5.01
CA LYS B 118 32.16 -1.80 6.34
C LYS B 118 33.18 -2.95 6.18
N ALA B 119 32.88 -3.87 5.26
CA ALA B 119 33.78 -4.98 4.98
C ALA B 119 35.17 -4.50 4.55
N LEU B 120 35.23 -3.43 3.77
CA LEU B 120 36.53 -2.88 3.31
C LEU B 120 37.16 -1.86 4.28
N LYS B 121 36.59 -1.71 5.47
CA LYS B 121 37.10 -0.72 6.47
C LYS B 121 37.22 0.68 5.88
N GLY B 122 36.24 1.01 5.03
CA GLY B 122 36.08 2.33 4.41
C GLY B 122 37.10 2.69 3.36
N LYS B 123 37.76 1.70 2.76
CA LYS B 123 38.89 1.94 1.87
C LYS B 123 39.07 0.84 0.82
N GLY B 124 39.26 1.25 -0.43
CA GLY B 124 39.48 0.32 -1.51
C GLY B 124 38.76 0.64 -2.80
N ASN B 125 39.04 -0.18 -3.78
CA ASN B 125 38.55 -0.03 -5.15
C ASN B 125 37.36 -0.96 -5.39
N VAL B 126 36.25 -0.38 -5.85
CA VAL B 126 35.03 -1.14 -6.06
C VAL B 126 34.59 -1.09 -7.53
N VAL B 127 34.00 -2.19 -7.97
CA VAL B 127 33.46 -2.35 -9.32
C VAL B 127 31.98 -2.59 -9.19
N GLU B 128 31.19 -1.94 -10.04
CA GLU B 128 29.77 -2.17 -10.06
C GLU B 128 29.44 -2.74 -11.44
N LEU B 129 28.80 -3.91 -11.45
CA LEU B 129 28.13 -4.41 -12.63
C LEU B 129 26.63 -4.06 -12.57
N GLU B 130 26.17 -3.25 -13.53
CA GLU B 130 24.83 -2.73 -13.54
C GLU B 130 23.92 -3.59 -14.35
N GLY B 131 22.64 -3.56 -14.02
CA GLY B 131 21.65 -4.35 -14.72
C GLY B 131 21.23 -3.68 -16.01
N ILE B 132 20.09 -4.10 -16.51
CA ILE B 132 19.46 -3.53 -17.69
C ILE B 132 19.04 -2.07 -17.40
N PRO B 133 19.62 -1.09 -18.13
CA PRO B 133 19.29 0.29 -17.78
C PRO B 133 17.83 0.69 -18.02
N GLY B 134 17.09 -0.07 -18.85
CA GLY B 134 15.65 0.08 -19.01
C GLY B 134 14.82 -0.41 -17.82
N ALA B 135 15.47 -0.98 -16.81
CA ALA B 135 14.77 -1.53 -15.64
C ALA B 135 14.89 -0.58 -14.48
N SER B 136 13.74 -0.17 -13.91
CA SER B 136 13.72 0.71 -12.73
C SER B 136 14.56 0.13 -11.62
N ALA B 137 14.47 -1.19 -11.43
CA ALA B 137 15.22 -1.90 -10.40
C ALA B 137 16.72 -1.65 -10.47
N ALA B 138 17.26 -1.68 -11.69
CA ALA B 138 18.68 -1.47 -11.93
C ALA B 138 19.07 0.01 -11.69
N ARG B 139 18.33 0.94 -12.27
CA ARG B 139 18.62 2.37 -12.06
C ARG B 139 18.57 2.72 -10.56
N ASP B 140 17.55 2.22 -9.86
CA ASP B 140 17.39 2.50 -8.43
C ASP B 140 18.52 1.94 -7.58
N ARG B 141 18.92 0.69 -7.84
CA ARG B 141 20.07 0.10 -7.14
C ARG B 141 21.32 0.90 -7.37
N GLY B 142 21.56 1.33 -8.60
CA GLY B 142 22.79 2.12 -8.88
C GLY B 142 22.77 3.44 -8.10
N LYS B 143 21.62 4.08 -8.07
CA LYS B 143 21.45 5.33 -7.30
C LYS B 143 21.71 5.18 -5.80
N GLY B 144 21.14 4.14 -5.18
CA GLY B 144 21.33 3.85 -3.77
C GLY B 144 22.76 3.49 -3.47
N PHE B 145 23.34 2.65 -4.32
CA PHE B 145 24.72 2.26 -4.14
C PHE B 145 25.65 3.46 -4.15
N ASP B 146 25.48 4.32 -5.16
N ASP B 146 25.49 4.33 -5.15
CA ASP B 146 26.28 5.54 -5.30
CA ASP B 146 26.36 5.48 -5.29
C ASP B 146 26.12 6.44 -4.10
C ASP B 146 26.12 6.51 -4.18
N GLU B 147 24.87 6.66 -3.71
CA GLU B 147 24.54 7.57 -2.59
C GLU B 147 25.25 7.17 -1.29
N ALA B 148 25.22 5.89 -0.98
CA ALA B 148 25.85 5.37 0.23
C ALA B 148 27.39 5.29 0.15
N ILE B 149 27.91 4.87 -1.00
N ILE B 149 27.92 4.92 -1.01
CA ILE B 149 29.37 4.73 -1.19
CA ILE B 149 29.35 4.71 -1.16
C ILE B 149 30.03 6.10 -1.12
C ILE B 149 30.07 6.07 -1.24
N ALA B 150 29.35 7.10 -1.66
CA ALA B 150 29.83 8.48 -1.63
C ALA B 150 30.19 8.97 -0.23
N LYS B 151 29.55 8.45 0.80
CA LYS B 151 29.86 8.82 2.21
C LYS B 151 31.25 8.39 2.68
N TYR B 152 31.89 7.50 1.92
CA TYR B 152 33.18 6.90 2.26
C TYR B 152 34.21 7.33 1.26
N PRO B 153 34.86 8.50 1.48
CA PRO B 153 35.75 9.07 0.46
C PRO B 153 36.91 8.20 -0.02
N ASP B 154 37.40 7.30 0.83
CA ASP B 154 38.53 6.43 0.48
C ASP B 154 38.10 5.20 -0.34
N ILE B 155 36.82 5.10 -0.69
CA ILE B 155 36.33 4.05 -1.58
C ILE B 155 36.10 4.69 -2.94
N LYS B 156 36.73 4.10 -3.95
CA LYS B 156 36.68 4.62 -5.30
C LYS B 156 36.00 3.58 -6.14
N ILE B 157 35.00 3.97 -6.91
CA ILE B 157 34.41 3.03 -7.87
C ILE B 157 35.24 3.17 -9.13
N VAL B 158 36.00 2.12 -9.44
CA VAL B 158 37.00 2.18 -10.48
C VAL B 158 36.43 1.71 -11.82
N ALA B 159 35.34 0.93 -11.79
CA ALA B 159 34.59 0.62 -13.01
C ALA B 159 33.09 0.47 -12.70
N LYS B 160 32.25 0.88 -13.64
CA LYS B 160 30.80 0.76 -13.55
C LYS B 160 30.32 0.51 -14.98
N GLN B 161 29.87 -0.71 -15.26
N GLN B 161 29.87 -0.71 -15.26
CA GLN B 161 29.46 -1.11 -16.61
CA GLN B 161 29.45 -1.13 -16.61
C GLN B 161 28.26 -2.07 -16.57
C GLN B 161 28.24 -2.06 -16.56
N ALA B 162 27.35 -1.94 -17.54
CA ALA B 162 26.15 -2.76 -17.60
C ALA B 162 26.47 -4.17 -18.06
N ALA B 163 25.91 -5.18 -17.38
CA ALA B 163 25.96 -6.59 -17.82
C ALA B 163 24.54 -7.21 -17.94
N ASP B 164 23.57 -6.32 -18.10
CA ASP B 164 22.20 -6.65 -18.52
CA ASP B 164 22.26 -6.76 -18.63
C ASP B 164 21.56 -7.82 -17.77
N PHE B 165 21.88 -7.89 -16.47
CA PHE B 165 21.23 -8.82 -15.54
C PHE B 165 21.44 -10.27 -15.94
N ASP B 166 22.51 -10.50 -16.67
CA ASP B 166 22.75 -11.78 -17.33
C ASP B 166 24.10 -12.36 -16.93
N ARG B 167 24.12 -13.67 -16.68
CA ARG B 167 25.34 -14.36 -16.20
C ARG B 167 26.45 -14.38 -17.24
N SER B 168 26.09 -14.59 -18.51
CA SER B 168 27.06 -14.62 -19.57
C SER B 168 27.70 -13.29 -19.81
N LYS B 169 26.89 -12.24 -19.82
CA LYS B 169 27.38 -10.90 -20.03
C LYS B 169 28.21 -10.49 -18.79
N GLY B 170 27.78 -10.92 -17.60
CA GLY B 170 28.53 -10.71 -16.35
C GLY B 170 29.94 -11.24 -16.45
N LEU B 171 30.09 -12.41 -17.08
N LEU B 171 30.07 -12.45 -17.00
CA LEU B 171 31.43 -12.98 -17.34
CA LEU B 171 31.37 -13.07 -17.14
C LEU B 171 32.28 -12.07 -18.23
C LEU B 171 32.26 -12.25 -18.07
N SER B 172 31.79 -11.79 -19.43
N SER B 172 31.73 -11.84 -19.23
CA SER B 172 32.52 -11.04 -20.43
CA SER B 172 32.53 -11.16 -20.25
C SER B 172 32.87 -9.67 -19.91
C SER B 172 32.88 -9.72 -19.85
N VAL B 173 31.90 -8.98 -19.35
CA VAL B 173 32.13 -7.65 -18.79
C VAL B 173 33.18 -7.74 -17.66
N MET B 174 33.05 -8.71 -16.76
CA MET B 174 34.03 -8.79 -15.66
C MET B 174 35.44 -9.13 -16.19
N GLU B 175 35.50 -9.98 -17.21
CA GLU B 175 36.78 -10.29 -17.87
C GLU B 175 37.44 -9.00 -18.33
N ASN B 176 36.68 -8.16 -19.00
CA ASN B 176 37.21 -6.88 -19.48
C ASN B 176 37.70 -6.01 -18.32
N ILE B 177 36.96 -5.99 -17.22
CA ILE B 177 37.29 -5.12 -16.11
C ILE B 177 38.56 -5.60 -15.37
N LEU B 178 38.67 -6.90 -15.15
CA LEU B 178 39.89 -7.51 -14.60
C LEU B 178 41.13 -7.18 -15.42
N GLN B 179 40.98 -7.23 -16.74
N GLN B 179 41.01 -7.22 -16.74
CA GLN B 179 42.04 -6.85 -17.67
CA GLN B 179 42.12 -6.84 -17.59
C GLN B 179 42.42 -5.37 -17.48
C GLN B 179 42.45 -5.35 -17.42
N ALA B 180 41.42 -4.51 -17.33
CA ALA B 180 41.61 -3.07 -17.25
C ALA B 180 41.98 -2.54 -15.86
N GLN B 181 41.70 -3.31 -14.81
CA GLN B 181 41.84 -2.84 -13.42
C GLN B 181 42.58 -3.88 -12.60
N PRO B 182 43.90 -3.70 -12.41
CA PRO B 182 44.69 -4.68 -11.66
C PRO B 182 44.46 -4.67 -10.12
N LYS B 183 43.83 -3.61 -9.61
CA LYS B 183 43.50 -3.52 -8.18
C LYS B 183 42.00 -3.37 -7.98
N ILE B 184 41.36 -4.44 -7.52
CA ILE B 184 39.93 -4.48 -7.25
C ILE B 184 39.72 -5.12 -5.89
N ASP B 185 38.98 -4.46 -5.01
CA ASP B 185 38.72 -5.01 -3.67
C ASP B 185 37.34 -5.62 -3.46
N ALA B 186 36.36 -5.16 -4.24
CA ALA B 186 34.99 -5.61 -4.12
C ALA B 186 34.25 -5.43 -5.44
N VAL B 187 33.21 -6.23 -5.63
CA VAL B 187 32.30 -6.10 -6.77
C VAL B 187 30.90 -6.12 -6.25
N PHE B 188 30.10 -5.11 -6.61
CA PHE B 188 28.66 -5.18 -6.42
C PHE B 188 28.05 -5.48 -7.80
N ALA B 189 27.34 -6.61 -7.91
CA ALA B 189 26.59 -6.96 -9.10
C ALA B 189 25.10 -6.73 -8.78
N GLN B 190 24.40 -6.01 -9.65
CA GLN B 190 23.01 -5.58 -9.37
C GLN B 190 22.04 -6.75 -9.45
N ASN B 191 22.52 -7.93 -9.86
CA ASN B 191 21.81 -9.15 -9.56
C ASN B 191 22.74 -10.35 -9.43
N ASP B 192 22.18 -11.42 -8.90
CA ASP B 192 22.93 -12.64 -8.63
C ASP B 192 23.48 -13.31 -9.90
N GLU B 193 22.76 -13.25 -11.02
CA GLU B 193 23.25 -13.86 -12.27
C GLU B 193 24.52 -13.20 -12.76
N MET B 194 24.55 -11.86 -12.76
CA MET B 194 25.79 -11.17 -13.07
C MET B 194 26.89 -11.48 -12.07
N ALA B 195 26.53 -11.58 -10.80
CA ALA B 195 27.48 -11.85 -9.74
C ALA B 195 28.18 -13.17 -10.01
N LEU B 196 27.39 -14.18 -10.38
CA LEU B 196 27.91 -15.53 -10.61
C LEU B 196 28.80 -15.58 -11.83
N GLY B 197 28.47 -14.83 -12.87
CA GLY B 197 29.34 -14.70 -14.05
C GLY B 197 30.66 -14.02 -13.64
N ALA B 198 30.55 -12.96 -12.86
CA ALA B 198 31.71 -12.21 -12.39
C ALA B 198 32.69 -13.10 -11.65
N ILE B 199 32.15 -13.93 -10.77
CA ILE B 199 32.91 -14.92 -10.01
C ILE B 199 33.71 -15.85 -10.93
N LYS B 200 33.11 -16.29 -12.03
N LYS B 200 33.09 -16.30 -12.02
CA LYS B 200 33.79 -17.19 -12.97
CA LYS B 200 33.76 -17.16 -12.99
C LYS B 200 34.95 -16.49 -13.66
C LYS B 200 34.99 -16.45 -13.54
N ALA B 201 34.78 -15.21 -13.95
CA ALA B 201 35.85 -14.37 -14.51
C ALA B 201 36.98 -14.14 -13.51
N ILE B 202 36.61 -13.91 -12.25
CA ILE B 202 37.58 -13.69 -11.18
C ILE B 202 38.41 -14.96 -11.00
N GLU B 203 37.74 -16.11 -10.94
CA GLU B 203 38.43 -17.39 -10.82
C GLU B 203 39.35 -17.71 -12.00
N ALA B 204 38.93 -17.41 -13.22
CA ALA B 204 39.76 -17.64 -14.40
C ALA B 204 41.04 -16.80 -14.39
N ALA B 205 40.93 -15.57 -13.90
CA ALA B 205 42.07 -14.65 -13.77
C ALA B 205 42.96 -14.96 -12.56
N ASN B 206 42.59 -15.97 -11.77
CA ASN B 206 43.27 -16.31 -10.52
C ASN B 206 43.38 -15.09 -9.61
N ARG B 207 42.31 -14.30 -9.54
CA ARG B 207 42.41 -13.00 -8.94
C ARG B 207 41.97 -13.00 -7.48
N GLN B 208 42.97 -12.79 -6.62
CA GLN B 208 42.82 -11.98 -5.41
C GLN B 208 41.84 -12.54 -4.41
N GLY B 209 41.53 -11.72 -3.40
CA GLY B 209 40.43 -11.94 -2.47
C GLY B 209 39.39 -10.83 -2.65
N ILE B 210 38.85 -10.71 -3.86
CA ILE B 210 37.80 -9.74 -4.14
C ILE B 210 36.50 -10.17 -3.46
N ILE B 211 35.84 -9.24 -2.80
CA ILE B 211 34.57 -9.49 -2.12
C ILE B 211 33.49 -9.27 -3.18
N VAL B 212 32.58 -10.23 -3.33
CA VAL B 212 31.52 -10.12 -4.34
C VAL B 212 30.20 -10.11 -3.61
N VAL B 213 29.37 -9.11 -3.93
CA VAL B 213 28.04 -8.96 -3.35
C VAL B 213 27.05 -8.92 -4.49
N GLY B 214 26.03 -9.78 -4.43
CA GLY B 214 24.96 -9.86 -5.45
C GLY B 214 23.63 -9.24 -5.03
N PHE B 215 22.56 -9.62 -5.71
CA PHE B 215 21.23 -9.11 -5.43
C PHE B 215 20.24 -10.15 -5.94
N ASP B 216 19.36 -10.61 -5.04
CA ASP B 216 18.16 -11.43 -5.34
C ASP B 216 17.96 -12.54 -4.31
N GLY B 217 19.07 -13.14 -3.88
CA GLY B 217 19.02 -14.27 -2.98
C GLY B 217 18.53 -15.51 -3.70
N THR B 218 18.94 -15.68 -4.96
CA THR B 218 18.67 -16.92 -5.71
C THR B 218 19.37 -18.13 -5.06
N GLU B 219 18.92 -19.35 -5.37
CA GLU B 219 19.56 -20.54 -4.81
C GLU B 219 21.04 -20.62 -5.20
N ASP B 220 21.36 -20.36 -6.47
CA ASP B 220 22.77 -20.40 -6.90
C ASP B 220 23.61 -19.42 -6.08
N ALA B 221 23.04 -18.26 -5.76
CA ALA B 221 23.74 -17.24 -5.02
C ALA B 221 24.01 -17.73 -3.60
N LEU B 222 22.98 -18.30 -2.99
CA LEU B 222 23.07 -18.78 -1.62
C LEU B 222 24.09 -19.92 -1.50
N LYS B 223 24.08 -20.81 -2.50
CA LYS B 223 25.13 -21.84 -2.60
C LYS B 223 26.51 -21.23 -2.70
N ALA B 224 26.63 -20.14 -3.45
CA ALA B 224 27.91 -19.42 -3.59
C ALA B 224 28.39 -18.83 -2.25
N ILE B 225 27.45 -18.34 -1.47
CA ILE B 225 27.73 -17.75 -0.16
C ILE B 225 28.20 -18.84 0.83
N LYS B 226 27.50 -19.96 0.82
CA LYS B 226 27.88 -21.11 1.63
C LYS B 226 29.27 -21.60 1.28
N GLU B 227 29.61 -21.58 -0.01
CA GLU B 227 30.95 -21.99 -0.48
C GLU B 227 32.06 -20.96 -0.30
N GLY B 228 31.69 -19.72 0.08
CA GLY B 228 32.68 -18.66 0.29
C GLY B 228 33.11 -17.97 -0.97
N LYS B 229 32.39 -18.23 -2.06
CA LYS B 229 32.66 -17.61 -3.34
C LYS B 229 31.99 -16.22 -3.44
N MET B 230 30.83 -16.07 -2.83
CA MET B 230 30.12 -14.80 -2.72
C MET B 230 30.05 -14.39 -1.27
N ALA B 231 30.25 -13.10 -1.02
CA ALA B 231 30.32 -12.59 0.32
C ALA B 231 28.92 -12.30 0.86
N ALA B 232 28.04 -11.77 0.00
CA ALA B 232 26.69 -11.38 0.44
C ALA B 232 25.79 -11.23 -0.79
N THR B 233 24.48 -11.26 -0.56
CA THR B 233 23.49 -10.85 -1.51
C THR B 233 22.36 -10.15 -0.76
N ILE B 234 21.61 -9.28 -1.46
CA ILE B 234 20.40 -8.66 -0.89
C ILE B 234 19.21 -9.52 -1.34
N ALA B 235 18.67 -10.29 -0.41
CA ALA B 235 17.61 -11.19 -0.75
C ALA B 235 16.32 -10.40 -1.00
N GLN B 236 15.66 -10.68 -2.13
CA GLN B 236 14.32 -10.15 -2.40
C GLN B 236 13.31 -11.28 -2.21
N GLN B 237 12.06 -11.10 -2.38
CA GLN B 237 11.00 -12.08 -2.24
C GLN B 237 10.21 -12.22 -3.54
N PRO B 238 10.77 -12.75 -4.55
CA PRO B 238 10.07 -12.87 -5.82
C PRO B 238 8.75 -13.63 -5.74
N ALA B 239 8.71 -14.72 -4.97
CA ALA B 239 7.51 -15.55 -4.93
C ALA B 239 6.37 -14.76 -4.32
N LEU B 240 6.70 -13.95 -3.31
CA LEU B 240 5.72 -13.05 -2.68
C LEU B 240 5.23 -11.97 -3.63
N MET B 241 6.12 -11.45 -4.47
CA MET B 241 5.73 -10.45 -5.44
C MET B 241 4.69 -11.02 -6.39
N GLY B 242 4.93 -12.24 -6.82
CA GLY B 242 4.01 -12.91 -7.73
C GLY B 242 2.69 -13.19 -7.05
N SER B 243 2.77 -13.59 -5.78
CA SER B 243 1.57 -13.90 -4.98
C SER B 243 0.72 -12.65 -4.75
N LEU B 244 1.35 -11.58 -4.27
CA LEU B 244 0.67 -10.31 -4.10
C LEU B 244 0.04 -9.81 -5.39
N GLY B 245 0.69 -10.04 -6.53
CA GLY B 245 0.10 -9.61 -7.82
C GLY B 245 -1.26 -10.26 -8.06
N VAL B 246 -1.31 -11.56 -7.85
CA VAL B 246 -2.55 -12.31 -8.03
C VAL B 246 -3.59 -11.91 -6.98
N GLU B 247 -3.15 -11.81 -5.72
CA GLU B 247 -3.99 -11.42 -4.62
C GLU B 247 -4.61 -10.04 -4.83
N MET B 248 -3.82 -9.07 -5.30
CA MET B 248 -4.36 -7.74 -5.58
C MET B 248 -5.25 -7.74 -6.83
N ALA B 249 -4.90 -8.56 -7.83
CA ALA B 249 -5.75 -8.67 -9.00
C ALA B 249 -7.13 -9.13 -8.55
N ASP B 250 -7.16 -10.15 -7.70
CA ASP B 250 -8.41 -10.69 -7.17
C ASP B 250 -9.26 -9.60 -6.48
N LYS B 251 -8.69 -8.97 -5.44
CA LYS B 251 -9.36 -7.88 -4.72
C LYS B 251 -9.89 -6.81 -5.68
N TYR B 252 -9.09 -6.46 -6.68
CA TYR B 252 -9.53 -5.47 -7.66
C TYR B 252 -10.78 -5.90 -8.44
N LEU B 253 -10.77 -7.14 -8.94
CA LEU B 253 -11.92 -7.67 -9.68
C LEU B 253 -13.19 -7.77 -8.81
N LYS B 254 -13.00 -8.02 -7.51
CA LYS B 254 -14.11 -8.03 -6.54
C LYS B 254 -14.60 -6.62 -6.16
N GLY B 255 -13.95 -5.59 -6.68
CA GLY B 255 -14.39 -4.20 -6.47
C GLY B 255 -13.79 -3.53 -5.24
N GLU B 256 -12.89 -4.21 -4.54
CA GLU B 256 -12.28 -3.65 -3.32
C GLU B 256 -11.19 -2.62 -3.63
N LYS B 257 -10.96 -1.70 -2.71
CA LYS B 257 -9.91 -0.70 -2.87
C LYS B 257 -8.58 -1.37 -2.54
N ILE B 258 -7.59 -1.21 -3.41
CA ILE B 258 -6.26 -1.77 -3.16
C ILE B 258 -5.22 -0.65 -3.11
N PRO B 259 -4.05 -0.92 -2.53
CA PRO B 259 -2.98 0.06 -2.64
C PRO B 259 -2.52 0.21 -4.07
N ASN B 260 -1.93 1.37 -4.38
N ASN B 260 -1.94 1.35 -4.40
CA ASN B 260 -1.30 1.63 -5.68
CA ASN B 260 -1.32 1.53 -5.72
C ASN B 260 0.14 1.13 -5.70
C ASN B 260 0.17 1.18 -5.72
N PHE B 261 0.76 1.14 -4.52
CA PHE B 261 2.14 0.68 -4.37
C PHE B 261 2.25 -0.16 -3.10
N ILE B 262 2.94 -1.29 -3.23
CA ILE B 262 3.20 -2.20 -2.13
C ILE B 262 4.69 -2.58 -2.22
N PRO B 263 5.48 -2.26 -1.18
CA PRO B 263 6.89 -2.69 -1.19
C PRO B 263 7.07 -4.11 -0.69
N ALA B 264 7.96 -4.85 -1.33
CA ALA B 264 8.41 -6.16 -0.82
C ALA B 264 9.72 -5.96 -0.08
N GLU B 265 9.82 -6.53 1.12
CA GLU B 265 10.98 -6.32 1.99
C GLU B 265 12.27 -6.97 1.49
N LEU B 266 13.40 -6.37 1.86
CA LEU B 266 14.73 -6.85 1.54
C LEU B 266 15.49 -7.35 2.80
N LYS B 267 16.45 -8.24 2.61
CA LYS B 267 17.23 -8.76 3.72
C LYS B 267 18.65 -9.01 3.25
N LEU B 268 19.64 -8.47 3.95
CA LEU B 268 21.06 -8.76 3.68
C LEU B 268 21.37 -10.17 4.17
N ILE B 269 21.99 -10.99 3.31
CA ILE B 269 22.33 -12.39 3.62
C ILE B 269 23.83 -12.56 3.53
N THR B 270 24.47 -12.96 4.63
CA THR B 270 25.87 -13.32 4.65
C THR B 270 26.02 -14.79 5.05
N LYS B 271 27.26 -15.26 5.10
CA LYS B 271 27.53 -16.62 5.59
C LYS B 271 26.88 -16.88 6.94
N GLU B 272 26.79 -15.85 7.77
CA GLU B 272 26.27 -16.00 9.12
C GLU B 272 24.77 -16.29 9.18
N ASN B 273 24.01 -15.89 8.16
CA ASN B 273 22.58 -16.15 8.20
C ASN B 273 22.01 -16.85 6.96
N VAL B 274 22.89 -17.29 6.06
CA VAL B 274 22.45 -17.97 4.85
C VAL B 274 21.74 -19.27 5.25
N GLN B 275 20.66 -19.58 4.54
CA GLN B 275 19.53 -20.42 5.02
C GLN B 275 19.05 -20.08 6.45
#